data_8V6Q
#
_entry.id   8V6Q
#
_cell.length_a   40.036
_cell.length_b   93.541
_cell.length_c   140.541
_cell.angle_alpha   90.000
_cell.angle_beta   90.000
_cell.angle_gamma   90.000
#
_symmetry.space_group_name_H-M   'P 2 21 21'
#
loop_
_entity.id
_entity.type
_entity.pdbx_description
1 polymer 'Thoeris protein ThsA Macro domain-containing protein'
2 water water
#
_entity_poly.entity_id   1
_entity_poly.type   'polypeptide(L)'
_entity_poly.pdbx_seq_one_letter_code
;MHHHHHHSSGVDLGTENLYFQSNASNNLSEINLDVEGSIVTVKAGDLFRQDGFKVIAFNEYFDTQVDDVIISHNSLNGLY
IDNYLAGSVSDLDHRISNHQFEEDELLEVNHKRKVGKTQKYSLGTIFVNNDYLLTAFSKFDDKNRAFLTMPDYLAFLINF
WDKVNRIYAQKSVSVPIFGSGITRIKEHKNISDEDLLKIMLWTFRISEMRFKFPAKLTIVIHKDKIDKINLLDIKSARNG
L
;
_entity_poly.pdbx_strand_id   A,B
#
# COMPACT_ATOMS: atom_id res chain seq x y z
N LEU A 28 -10.23 -16.18 24.28
CA LEU A 28 -10.49 -14.75 24.04
C LEU A 28 -11.13 -14.57 22.67
N SER A 29 -12.34 -14.02 22.64
CA SER A 29 -13.12 -13.93 21.42
C SER A 29 -13.50 -12.50 21.03
N GLU A 30 -12.99 -11.49 21.75
CA GLU A 30 -13.27 -10.11 21.40
C GLU A 30 -12.22 -9.22 22.05
N ILE A 31 -11.89 -8.13 21.36
CA ILE A 31 -10.93 -7.16 21.87
C ILE A 31 -11.34 -5.78 21.39
N ASN A 32 -11.17 -4.80 22.26
CA ASN A 32 -11.32 -3.39 21.93
C ASN A 32 -9.95 -2.72 22.04
N LEU A 33 -9.61 -1.93 21.04
CA LEU A 33 -8.32 -1.24 20.99
C LEU A 33 -8.53 0.22 20.66
N ASP A 34 -7.72 1.09 21.29
CA ASP A 34 -7.67 2.49 20.91
C ASP A 34 -6.69 2.63 19.76
N VAL A 35 -7.19 2.97 18.59
CA VAL A 35 -6.34 3.24 17.41
C VAL A 35 -6.36 4.76 17.22
N GLU A 36 -5.35 5.44 17.78
CA GLU A 36 -5.17 6.88 17.59
C GLU A 36 -6.47 7.64 17.88
N GLY A 37 -7.09 7.31 19.01
CA GLY A 37 -8.25 8.03 19.50
C GLY A 37 -9.58 7.36 19.26
N SER A 38 -9.64 6.37 18.37
CA SER A 38 -10.88 5.69 18.04
C SER A 38 -10.85 4.26 18.52
N ILE A 39 -11.99 3.79 19.04
CA ILE A 39 -12.10 2.42 19.50
C ILE A 39 -12.43 1.53 18.31
N VAL A 40 -11.63 0.49 18.10
CA VAL A 40 -11.83 -0.50 17.06
C VAL A 40 -12.08 -1.85 17.73
N THR A 41 -13.08 -2.57 17.26
CA THR A 41 -13.47 -3.84 17.84
C THR A 41 -13.11 -4.98 16.89
N VAL A 42 -12.50 -6.03 17.43
CA VAL A 42 -12.21 -7.25 16.69
C VAL A 42 -12.83 -8.40 17.47
N LYS A 43 -13.78 -9.11 16.85
CA LYS A 43 -14.56 -10.08 17.58
C LYS A 43 -15.00 -11.21 16.66
N ALA A 44 -15.11 -12.41 17.24
CA ALA A 44 -15.70 -13.52 16.52
C ALA A 44 -17.20 -13.31 16.38
N GLY A 45 -17.74 -13.69 15.23
CA GLY A 45 -19.17 -13.55 15.04
C GLY A 45 -19.55 -13.78 13.59
N ASP A 46 -20.80 -13.47 13.29
CA ASP A 46 -21.38 -13.61 11.96
C ASP A 46 -21.65 -12.22 11.41
N LEU A 47 -21.01 -11.90 10.27
CA LEU A 47 -21.13 -10.56 9.72
C LEU A 47 -22.58 -10.17 9.48
N PHE A 48 -23.38 -11.11 8.96
CA PHE A 48 -24.76 -10.80 8.58
C PHE A 48 -25.67 -10.55 9.78
N ARG A 49 -25.25 -10.92 10.99
CA ARG A 49 -26.01 -10.63 12.20
C ARG A 49 -25.65 -9.27 12.81
N GLN A 50 -24.70 -8.55 12.21
CA GLN A 50 -24.33 -7.24 12.72
C GLN A 50 -25.35 -6.19 12.31
N ASP A 51 -25.76 -5.36 13.27
CA ASP A 51 -26.50 -4.16 12.92
C ASP A 51 -25.54 -3.11 12.38
N GLY A 52 -26.08 -2.17 11.61
CA GLY A 52 -25.26 -1.18 10.97
C GLY A 52 -24.75 -1.65 9.63
N PHE A 53 -23.80 -0.89 9.09
CA PHE A 53 -23.30 -1.16 7.75
C PHE A 53 -22.40 -2.39 7.74
N LYS A 54 -22.64 -3.27 6.78
CA LYS A 54 -21.86 -4.50 6.60
C LYS A 54 -21.20 -4.46 5.24
N VAL A 55 -19.93 -4.85 5.19
CA VAL A 55 -19.14 -4.76 3.97
C VAL A 55 -19.04 -6.15 3.36
N ILE A 56 -19.44 -6.27 2.10
CA ILE A 56 -19.29 -7.49 1.31
C ILE A 56 -18.27 -7.22 0.22
N ALA A 57 -17.31 -8.13 0.08
CA ALA A 57 -16.22 -7.97 -0.89
C ALA A 57 -16.66 -8.59 -2.21
N PHE A 58 -16.81 -7.75 -3.23
CA PHE A 58 -17.06 -8.19 -4.59
C PHE A 58 -15.74 -8.23 -5.36
N ASN A 59 -15.81 -8.33 -6.68
CA ASN A 59 -14.63 -8.27 -7.53
C ASN A 59 -14.61 -6.94 -8.28
N GLU A 60 -13.62 -6.78 -9.15
CA GLU A 60 -13.45 -5.50 -9.83
C GLU A 60 -14.60 -5.21 -10.78
N TYR A 61 -15.29 -6.24 -11.27
CA TYR A 61 -16.42 -6.05 -12.18
C TYR A 61 -17.75 -5.95 -11.44
N PHE A 62 -17.75 -6.05 -10.12
CA PHE A 62 -18.99 -6.15 -9.35
C PHE A 62 -19.87 -7.27 -9.88
N ASP A 63 -19.24 -8.39 -10.22
CA ASP A 63 -19.97 -9.55 -10.71
C ASP A 63 -20.99 -10.02 -9.67
N THR A 64 -22.10 -10.56 -10.18
CA THR A 64 -23.18 -11.06 -9.33
C THR A 64 -23.55 -12.50 -9.64
N GLN A 65 -22.91 -13.12 -10.63
CA GLN A 65 -23.26 -14.46 -11.08
C GLN A 65 -22.59 -15.49 -10.19
N VAL A 66 -23.37 -16.11 -9.30
CA VAL A 66 -22.86 -17.12 -8.37
C VAL A 66 -23.14 -18.47 -9.02
N ASP A 67 -22.15 -18.98 -9.75
CA ASP A 67 -22.26 -20.29 -10.39
C ASP A 67 -21.00 -21.11 -10.19
N ASP A 68 -20.22 -20.83 -9.15
CA ASP A 68 -18.92 -21.48 -8.93
C ASP A 68 -18.02 -21.38 -10.16
N VAL A 69 -18.27 -20.38 -11.00
CA VAL A 69 -17.46 -20.10 -12.18
C VAL A 69 -16.88 -18.69 -12.12
N ILE A 70 -17.74 -17.69 -11.93
CA ILE A 70 -17.32 -16.32 -11.66
C ILE A 70 -17.27 -16.15 -10.15
N ILE A 71 -18.44 -15.97 -9.53
CA ILE A 71 -18.56 -15.93 -8.08
C ILE A 71 -18.90 -17.31 -7.56
N SER A 72 -18.32 -17.69 -6.42
CA SER A 72 -18.52 -19.00 -5.84
C SER A 72 -19.57 -18.96 -4.74
N HIS A 73 -20.22 -20.10 -4.51
CA HIS A 73 -21.27 -20.18 -3.51
C HIS A 73 -20.72 -20.24 -2.10
N ASN A 74 -19.44 -20.54 -1.92
CA ASN A 74 -18.82 -20.56 -0.61
C ASN A 74 -18.21 -19.23 -0.21
N SER A 75 -17.93 -18.35 -1.17
CA SER A 75 -17.45 -17.03 -0.84
C SER A 75 -18.48 -16.27 0.00
N LEU A 76 -18.00 -15.23 0.68
CA LEU A 76 -18.92 -14.28 1.30
C LEU A 76 -19.66 -13.46 0.24
N ASN A 77 -19.05 -13.31 -0.94
CA ASN A 77 -19.69 -12.57 -2.03
C ASN A 77 -20.90 -13.33 -2.55
N GLY A 78 -20.76 -14.64 -2.78
CA GLY A 78 -21.87 -15.44 -3.24
C GLY A 78 -22.86 -15.77 -2.15
N LEU A 79 -22.40 -15.90 -0.91
CA LEU A 79 -23.31 -16.15 0.20
C LEU A 79 -24.24 -14.96 0.44
N TYR A 80 -23.73 -13.74 0.27
CA TYR A 80 -24.58 -12.57 0.38
C TYR A 80 -25.66 -12.58 -0.69
N ILE A 81 -25.26 -12.84 -1.94
CA ILE A 81 -26.21 -12.82 -3.04
C ILE A 81 -27.21 -13.96 -2.92
N ASP A 82 -26.75 -15.15 -2.51
CA ASP A 82 -27.64 -16.31 -2.48
C ASP A 82 -28.74 -16.16 -1.44
N ASN A 83 -28.38 -15.77 -0.22
CA ASN A 83 -29.30 -15.84 0.91
C ASN A 83 -29.63 -14.50 1.56
N TYR A 84 -28.94 -13.41 1.22
CA TYR A 84 -29.12 -12.15 1.92
C TYR A 84 -29.48 -10.98 1.03
N LEU A 85 -29.29 -11.07 -0.28
CA LEU A 85 -29.64 -9.94 -1.15
C LEU A 85 -31.15 -9.71 -1.12
N ALA A 86 -31.54 -8.45 -0.94
CA ALA A 86 -32.94 -8.06 -1.08
C ALA A 86 -33.25 -7.84 -2.56
N GLY A 87 -34.28 -8.51 -3.05
CA GLY A 87 -34.63 -8.43 -4.46
C GLY A 87 -33.81 -9.40 -5.30
N SER A 88 -34.02 -9.30 -6.62
CA SER A 88 -33.36 -10.20 -7.55
C SER A 88 -31.94 -9.74 -7.82
N VAL A 89 -31.14 -10.66 -8.35
CA VAL A 89 -29.82 -10.30 -8.86
C VAL A 89 -29.96 -9.37 -10.06
N SER A 90 -31.02 -9.54 -10.85
CA SER A 90 -31.21 -8.71 -12.03
C SER A 90 -31.49 -7.25 -11.67
N ASP A 91 -32.16 -7.02 -10.53
CA ASP A 91 -32.42 -5.65 -10.10
C ASP A 91 -31.14 -4.96 -9.65
N LEU A 92 -30.28 -5.68 -8.91
CA LEU A 92 -29.04 -5.08 -8.44
C LEU A 92 -28.13 -4.73 -9.62
N ASP A 93 -28.04 -5.63 -10.60
CA ASP A 93 -27.23 -5.34 -11.78
C ASP A 93 -27.64 -4.02 -12.42
N HIS A 94 -28.95 -3.76 -12.49
CA HIS A 94 -29.42 -2.52 -13.09
C HIS A 94 -29.17 -1.31 -12.20
N ARG A 95 -29.27 -1.50 -10.87
CA ARG A 95 -28.94 -0.41 -9.96
C ARG A 95 -27.48 0.01 -10.11
N ILE A 96 -26.58 -0.98 -10.23
CA ILE A 96 -25.17 -0.66 -10.39
C ILE A 96 -24.91 -0.09 -11.76
N SER A 97 -25.52 -0.67 -12.80
CA SER A 97 -25.31 -0.19 -14.16
C SER A 97 -25.75 1.26 -14.30
N ASN A 98 -26.84 1.64 -13.63
CA ASN A 98 -27.36 3.00 -13.69
C ASN A 98 -26.93 3.83 -12.48
N HIS A 99 -25.88 3.41 -11.78
CA HIS A 99 -25.33 4.20 -10.68
C HIS A 99 -24.28 5.17 -11.21
N GLN A 100 -24.16 6.30 -10.53
CA GLN A 100 -23.21 7.36 -10.92
C GLN A 100 -21.96 7.22 -10.05
N PHE A 101 -20.96 6.52 -10.58
CA PHE A 101 -19.66 6.43 -9.93
C PHE A 101 -18.78 7.59 -10.36
N GLU A 102 -17.88 8.00 -9.46
CA GLU A 102 -16.95 9.07 -9.77
C GLU A 102 -16.15 8.74 -11.03
N GLU A 103 -15.63 9.79 -11.68
CA GLU A 103 -14.85 9.59 -12.89
C GLU A 103 -13.63 8.72 -12.62
N ASP A 104 -13.09 8.74 -11.40
CA ASP A 104 -11.94 7.92 -11.08
C ASP A 104 -12.32 6.50 -10.70
N GLU A 105 -13.50 6.30 -10.11
CA GLU A 105 -13.93 4.96 -9.74
C GLU A 105 -14.24 4.09 -10.94
N LEU A 106 -14.50 4.70 -12.11
CA LEU A 106 -14.78 3.95 -13.33
C LEU A 106 -13.50 3.73 -14.11
N LEU A 107 -13.24 2.48 -14.47
CA LEU A 107 -12.07 2.10 -15.23
C LEU A 107 -12.46 1.79 -16.69
N GLU A 108 -11.60 1.07 -17.40
CA GLU A 108 -11.87 0.70 -18.77
C GLU A 108 -12.75 -0.54 -18.83
N VAL A 109 -13.36 -0.75 -20.00
CA VAL A 109 -14.32 -1.83 -20.22
C VAL A 109 -13.59 -2.98 -20.92
N ASN A 110 -13.51 -4.13 -20.24
CA ASN A 110 -12.86 -5.30 -20.82
C ASN A 110 -13.85 -5.98 -21.77
N HIS A 111 -13.72 -5.68 -23.06
CA HIS A 111 -14.62 -6.26 -24.06
C HIS A 111 -14.30 -7.72 -24.36
N LYS A 112 -13.13 -8.19 -23.91
CA LYS A 112 -12.69 -9.58 -24.19
C LYS A 112 -13.25 -10.53 -23.13
N ARG A 113 -13.76 -9.99 -22.02
CA ARG A 113 -14.30 -10.83 -20.92
C ARG A 113 -15.35 -11.76 -21.52
N LYS A 114 -15.12 -13.07 -21.48
CA LYS A 114 -16.04 -14.07 -22.06
C LYS A 114 -17.24 -14.27 -21.13
N VAL A 115 -17.03 -14.85 -19.96
CA VAL A 115 -18.11 -15.15 -18.97
C VAL A 115 -18.10 -14.10 -17.87
N GLY A 116 -19.00 -13.12 -17.92
CA GLY A 116 -19.14 -12.15 -16.82
C GLY A 116 -19.26 -10.72 -17.29
N LYS A 117 -19.54 -9.80 -16.37
CA LYS A 117 -19.62 -8.39 -16.67
C LYS A 117 -18.31 -7.90 -17.29
N THR A 118 -18.36 -6.70 -17.85
CA THR A 118 -17.22 -6.15 -18.59
C THR A 118 -16.65 -4.87 -18.02
N GLN A 119 -17.46 -4.04 -17.36
CA GLN A 119 -16.98 -2.78 -16.81
C GLN A 119 -16.09 -3.04 -15.60
N LYS A 120 -14.80 -2.75 -15.72
CA LYS A 120 -13.90 -2.80 -14.58
C LYS A 120 -14.13 -1.59 -13.68
N TYR A 121 -13.99 -1.80 -12.38
CA TYR A 121 -14.06 -0.74 -11.39
C TYR A 121 -12.77 -0.72 -10.59
N SER A 122 -12.38 0.47 -10.14
CA SER A 122 -11.15 0.61 -9.35
C SER A 122 -11.39 0.11 -7.94
N LEU A 123 -10.38 -0.54 -7.37
CA LEU A 123 -10.53 -1.18 -6.07
C LEU A 123 -10.87 -0.14 -5.00
N GLY A 124 -11.66 -0.58 -4.01
CA GLY A 124 -12.18 0.29 -2.99
C GLY A 124 -13.47 0.99 -3.36
N THR A 125 -13.89 0.91 -4.63
CA THR A 125 -15.17 1.47 -5.02
C THR A 125 -16.29 0.86 -4.18
N ILE A 126 -17.23 1.71 -3.75
CA ILE A 126 -18.33 1.29 -2.89
C ILE A 126 -19.64 1.55 -3.62
N PHE A 127 -20.48 0.51 -3.70
CA PHE A 127 -21.88 0.64 -4.09
C PHE A 127 -22.72 0.26 -2.88
N VAL A 128 -23.44 1.24 -2.33
CA VAL A 128 -24.27 1.01 -1.16
C VAL A 128 -25.58 0.34 -1.58
N ASN A 129 -26.03 -0.62 -0.77
CA ASN A 129 -27.24 -1.38 -1.09
C ASN A 129 -27.93 -1.69 0.23
N ASN A 130 -28.98 -0.93 0.54
CA ASN A 130 -29.64 -1.00 1.84
C ASN A 130 -28.54 -0.76 2.88
N ASP A 131 -28.36 -1.65 3.86
CA ASP A 131 -27.31 -1.51 4.87
C ASP A 131 -26.09 -2.38 4.56
N TYR A 132 -25.82 -2.62 3.28
CA TYR A 132 -24.65 -3.38 2.85
C TYR A 132 -23.78 -2.50 1.97
N LEU A 133 -22.47 -2.54 2.20
CA LEU A 133 -21.50 -1.81 1.39
C LEU A 133 -20.80 -2.84 0.51
N LEU A 134 -21.20 -2.91 -0.75
CA LEU A 134 -20.59 -3.80 -1.72
C LEU A 134 -19.36 -3.09 -2.30
N THR A 135 -18.18 -3.65 -2.06
CA THR A 135 -16.93 -3.01 -2.44
C THR A 135 -16.17 -3.89 -3.41
N ALA A 136 -15.59 -3.26 -4.43
CA ALA A 136 -14.76 -3.96 -5.41
C ALA A 136 -13.41 -4.26 -4.78
N PHE A 137 -13.17 -5.52 -4.45
CA PHE A 137 -11.98 -5.92 -3.69
C PHE A 137 -10.95 -6.64 -4.55
N SER A 138 -11.31 -7.80 -5.11
CA SER A 138 -10.35 -8.65 -5.80
C SER A 138 -10.44 -8.48 -7.31
N LYS A 139 -9.36 -8.85 -7.98
CA LYS A 139 -9.28 -8.86 -9.43
C LYS A 139 -9.51 -10.28 -9.94
N PHE A 140 -9.91 -10.38 -11.22
CA PHE A 140 -10.15 -11.65 -11.87
C PHE A 140 -9.28 -11.72 -13.12
N ASP A 141 -8.52 -12.81 -13.25
CA ASP A 141 -7.59 -12.98 -14.36
C ASP A 141 -8.30 -13.62 -15.54
N ASP A 142 -7.53 -14.02 -16.56
CA ASP A 142 -8.11 -14.65 -17.73
C ASP A 142 -8.82 -15.96 -17.40
N LYS A 143 -8.52 -16.55 -16.24
CA LYS A 143 -9.08 -17.82 -15.83
C LYS A 143 -10.06 -17.67 -14.65
N ASN A 144 -10.68 -16.48 -14.53
CA ASN A 144 -11.62 -16.16 -13.47
C ASN A 144 -11.13 -16.63 -12.10
N ARG A 145 -9.88 -16.29 -11.79
CA ARG A 145 -9.27 -16.56 -10.50
C ARG A 145 -9.13 -15.25 -9.73
N ALA A 146 -9.57 -15.24 -8.48
CA ALA A 146 -9.54 -14.04 -7.67
C ALA A 146 -8.13 -13.81 -7.13
N PHE A 147 -7.58 -12.62 -7.39
CA PHE A 147 -6.21 -12.35 -6.99
C PHE A 147 -6.02 -10.87 -6.70
N LEU A 148 -4.93 -10.57 -5.99
CA LEU A 148 -4.43 -9.22 -5.83
C LEU A 148 -2.92 -9.31 -5.62
N THR A 149 -2.21 -8.26 -6.01
CA THR A 149 -0.84 -8.09 -5.55
C THR A 149 -0.86 -7.43 -4.17
N MET A 150 0.25 -7.57 -3.44
CA MET A 150 0.34 -6.88 -2.17
C MET A 150 0.18 -5.37 -2.33
N PRO A 151 0.83 -4.72 -3.31
CA PRO A 151 0.49 -3.30 -3.54
C PRO A 151 -0.99 -3.06 -3.78
N ASP A 152 -1.63 -3.94 -4.56
CA ASP A 152 -3.07 -3.82 -4.77
C ASP A 152 -3.83 -3.94 -3.45
N TYR A 153 -3.44 -4.92 -2.62
CA TYR A 153 -4.11 -5.11 -1.34
C TYR A 153 -4.00 -3.86 -0.47
N LEU A 154 -2.78 -3.34 -0.29
CA LEU A 154 -2.62 -2.16 0.54
C LEU A 154 -3.31 -0.95 -0.07
N ALA A 155 -3.38 -0.86 -1.39
CA ALA A 155 -4.04 0.28 -2.03
C ALA A 155 -5.56 0.20 -1.89
N PHE A 156 -6.13 -1.01 -2.00
CA PHE A 156 -7.55 -1.16 -1.74
C PHE A 156 -7.90 -0.70 -0.33
N LEU A 157 -7.13 -1.15 0.66
CA LEU A 157 -7.42 -0.81 2.05
C LEU A 157 -7.41 0.70 2.26
N ILE A 158 -6.38 1.38 1.76
CA ILE A 158 -6.26 2.82 1.97
C ILE A 158 -7.42 3.55 1.31
N ASN A 159 -7.72 3.18 0.06
CA ASN A 159 -8.86 3.80 -0.62
C ASN A 159 -10.17 3.50 0.10
N PHE A 160 -10.39 2.24 0.46
CA PHE A 160 -11.62 1.87 1.15
C PHE A 160 -11.75 2.61 2.48
N TRP A 161 -10.71 2.53 3.32
CA TRP A 161 -10.75 3.23 4.60
C TRP A 161 -11.02 4.71 4.42
N ASP A 162 -10.44 5.31 3.38
CA ASP A 162 -10.70 6.73 3.12
C ASP A 162 -12.18 6.97 2.84
N LYS A 163 -12.79 6.11 2.02
CA LYS A 163 -14.19 6.33 1.63
C LYS A 163 -15.12 6.18 2.83
N VAL A 164 -14.90 5.19 3.70
CA VAL A 164 -15.81 4.99 4.81
C VAL A 164 -15.58 6.06 5.89
N ASN A 165 -14.32 6.38 6.19
CA ASN A 165 -14.07 7.45 7.17
C ASN A 165 -14.60 8.79 6.67
N ARG A 166 -14.63 8.98 5.35
CA ARG A 166 -15.15 10.22 4.78
C ARG A 166 -16.67 10.20 4.71
N ILE A 167 -17.25 9.09 4.26
CA ILE A 167 -18.68 9.03 3.97
C ILE A 167 -19.48 8.55 5.17
N TYR A 168 -18.94 7.61 5.96
CA TYR A 168 -19.64 7.03 7.09
C TYR A 168 -18.99 7.41 8.42
N ALA A 169 -18.56 8.67 8.51
CA ALA A 169 -18.06 9.20 9.77
C ALA A 169 -19.04 8.92 10.90
N GLN A 170 -18.53 8.37 11.99
CA GLN A 170 -19.25 8.10 13.23
C GLN A 170 -20.34 7.04 13.08
N LYS A 171 -20.46 6.41 11.91
CA LYS A 171 -21.42 5.32 11.71
C LYS A 171 -20.70 3.98 11.86
N SER A 172 -21.42 3.01 12.41
CA SER A 172 -20.86 1.67 12.56
C SER A 172 -20.65 1.03 11.19
N VAL A 173 -19.45 0.48 10.99
CA VAL A 173 -19.12 -0.26 9.79
C VAL A 173 -18.48 -1.57 10.24
N SER A 174 -19.03 -2.69 9.76
CA SER A 174 -18.52 -4.02 10.09
C SER A 174 -17.91 -4.63 8.85
N VAL A 175 -16.71 -5.19 8.99
CA VAL A 175 -15.99 -5.76 7.86
C VAL A 175 -15.46 -7.14 8.21
N PRO A 176 -15.32 -8.04 7.25
CA PRO A 176 -14.59 -9.29 7.50
C PRO A 176 -13.08 -9.06 7.40
N ILE A 177 -12.30 -10.13 7.46
CA ILE A 177 -10.87 -10.04 7.17
C ILE A 177 -10.72 -10.12 5.67
N PHE A 178 -10.58 -8.96 5.01
CA PHE A 178 -10.39 -8.91 3.57
C PHE A 178 -9.27 -9.85 3.14
N GLY A 179 -9.56 -10.67 2.14
CA GLY A 179 -8.54 -11.49 1.54
C GLY A 179 -8.17 -12.75 2.30
N SER A 180 -8.94 -13.13 3.31
CA SER A 180 -8.74 -14.42 3.98
C SER A 180 -9.58 -15.53 3.36
N GLY A 181 -10.39 -15.21 2.35
CA GLY A 181 -11.16 -16.22 1.65
C GLY A 181 -10.38 -16.85 0.51
N ILE A 182 -10.97 -16.85 -0.69
CA ILE A 182 -10.31 -17.46 -1.84
C ILE A 182 -9.38 -16.51 -2.57
N THR A 183 -9.39 -15.22 -2.23
CA THR A 183 -8.56 -14.25 -2.94
C THR A 183 -7.09 -14.54 -2.67
N ARG A 184 -6.32 -14.73 -3.74
CA ARG A 184 -4.88 -14.94 -3.66
C ARG A 184 -4.18 -13.58 -3.65
N ILE A 185 -3.30 -13.37 -2.67
CA ILE A 185 -2.38 -12.24 -2.70
C ILE A 185 -1.08 -12.76 -3.32
N LYS A 186 -0.77 -12.27 -4.53
CA LYS A 186 0.37 -12.80 -5.26
C LYS A 186 1.63 -12.77 -4.39
N GLU A 187 2.28 -13.93 -4.30
CA GLU A 187 3.56 -14.14 -3.62
C GLU A 187 3.37 -14.25 -2.11
N HIS A 188 2.14 -14.16 -1.60
CA HIS A 188 1.84 -14.31 -0.18
C HIS A 188 0.71 -15.31 0.02
N LYS A 189 0.76 -16.43 -0.70
CA LYS A 189 -0.35 -17.38 -0.63
C LYS A 189 -0.54 -17.92 0.78
N ASN A 190 0.55 -18.05 1.55
CA ASN A 190 0.49 -18.59 2.91
C ASN A 190 0.36 -17.50 3.96
N ILE A 191 -0.08 -16.30 3.59
CA ILE A 191 -0.26 -15.24 4.58
C ILE A 191 -1.32 -15.66 5.58
N SER A 192 -1.05 -15.42 6.86
CA SER A 192 -1.98 -15.81 7.91
C SER A 192 -3.06 -14.75 8.08
N ASP A 193 -4.26 -15.21 8.49
CA ASP A 193 -5.32 -14.27 8.80
C ASP A 193 -4.87 -13.26 9.85
N GLU A 194 -3.92 -13.65 10.70
CA GLU A 194 -3.40 -12.74 11.71
C GLU A 194 -2.50 -11.67 11.11
N ASP A 195 -1.79 -11.98 10.02
CA ASP A 195 -1.05 -10.94 9.32
C ASP A 195 -1.99 -10.02 8.56
N LEU A 196 -2.99 -10.58 7.87
CA LEU A 196 -3.98 -9.74 7.21
C LEU A 196 -4.66 -8.82 8.22
N LEU A 197 -4.96 -9.34 9.41
CA LEU A 197 -5.64 -8.52 10.42
C LEU A 197 -4.77 -7.36 10.86
N LYS A 198 -3.47 -7.61 11.07
CA LYS A 198 -2.57 -6.50 11.44
C LYS A 198 -2.50 -5.46 10.33
N ILE A 199 -2.41 -5.91 9.07
CA ILE A 199 -2.35 -4.96 7.96
C ILE A 199 -3.61 -4.09 7.95
N MET A 200 -4.78 -4.72 8.12
CA MET A 200 -6.02 -3.95 8.13
C MET A 200 -5.99 -2.86 9.19
N LEU A 201 -5.42 -3.15 10.36
CA LEU A 201 -5.36 -2.15 11.42
C LEU A 201 -4.31 -1.08 11.13
N TRP A 202 -3.15 -1.49 10.60
CA TRP A 202 -2.15 -0.51 10.18
C TRP A 202 -2.71 0.47 9.17
N THR A 203 -3.39 -0.04 8.12
CA THR A 203 -3.90 0.82 7.07
C THR A 203 -5.10 1.66 7.55
N PHE A 204 -5.91 1.13 8.46
CA PHE A 204 -7.00 1.92 9.01
C PHE A 204 -6.48 3.05 9.88
N ARG A 205 -5.37 2.81 10.60
CA ARG A 205 -4.76 3.88 11.39
C ARG A 205 -4.25 5.00 10.50
N ILE A 206 -3.47 4.64 9.47
CA ILE A 206 -2.99 5.64 8.51
C ILE A 206 -4.15 6.50 8.01
N SER A 207 -5.30 5.87 7.79
CA SER A 207 -6.45 6.60 7.28
C SER A 207 -7.13 7.42 8.37
N GLU A 208 -7.52 6.79 9.47
CA GLU A 208 -8.28 7.48 10.49
C GLU A 208 -7.50 8.66 11.09
N MET A 209 -6.18 8.66 10.94
CA MET A 209 -5.38 9.73 11.53
C MET A 209 -5.57 11.07 10.82
N ARG A 210 -6.09 11.07 9.60
CA ARG A 210 -6.42 12.32 8.91
C ARG A 210 -7.87 12.73 9.11
N PHE A 211 -8.70 11.85 9.67
CA PHE A 211 -10.10 12.14 9.98
C PHE A 211 -10.23 12.33 11.47
N LYS A 212 -10.95 13.38 11.89
CA LYS A 212 -11.16 13.62 13.31
C LYS A 212 -12.38 12.91 13.86
N PHE A 213 -13.20 12.30 13.00
CA PHE A 213 -14.36 11.52 13.44
C PHE A 213 -14.55 10.35 12.49
N PRO A 214 -13.62 9.39 12.51
CA PRO A 214 -13.69 8.29 11.55
C PRO A 214 -14.87 7.38 11.80
N ALA A 215 -15.04 6.37 10.94
CA ALA A 215 -16.09 5.38 11.15
C ALA A 215 -15.80 4.57 12.40
N LYS A 216 -16.86 3.98 12.97
CA LYS A 216 -16.74 3.07 14.10
C LYS A 216 -16.52 1.68 13.53
N LEU A 217 -15.28 1.20 13.56
CA LEU A 217 -14.90 0.00 12.85
C LEU A 217 -15.03 -1.23 13.72
N THR A 218 -15.70 -2.25 13.20
CA THR A 218 -15.73 -3.57 13.80
C THR A 218 -15.28 -4.58 12.76
N ILE A 219 -14.26 -5.38 13.11
CA ILE A 219 -13.80 -6.47 12.26
C ILE A 219 -14.39 -7.76 12.81
N VAL A 220 -15.19 -8.42 11.99
CA VAL A 220 -15.88 -9.65 12.39
C VAL A 220 -15.10 -10.82 11.83
N ILE A 221 -14.64 -11.70 12.72
CA ILE A 221 -13.91 -12.91 12.38
C ILE A 221 -14.89 -14.08 12.46
N HIS A 222 -14.80 -14.99 11.49
CA HIS A 222 -15.64 -16.17 11.53
C HIS A 222 -15.39 -16.94 12.82
N LYS A 223 -16.47 -17.35 13.48
CA LYS A 223 -16.36 -17.97 14.80
C LYS A 223 -15.39 -19.14 14.80
N ASP A 224 -15.33 -19.89 13.70
CA ASP A 224 -14.45 -21.06 13.65
C ASP A 224 -13.00 -20.68 13.45
N LYS A 225 -12.74 -19.55 12.79
CA LYS A 225 -11.37 -19.09 12.54
C LYS A 225 -10.75 -18.39 13.73
N ILE A 226 -11.56 -17.93 14.69
CA ILE A 226 -11.04 -17.11 15.79
C ILE A 226 -10.02 -17.88 16.62
N ASP A 227 -10.20 -19.20 16.74
CA ASP A 227 -9.25 -20.01 17.50
C ASP A 227 -7.87 -20.03 16.85
N LYS A 228 -7.78 -19.80 15.55
CA LYS A 228 -6.48 -19.76 14.89
C LYS A 228 -5.73 -18.46 15.20
N ILE A 229 -6.46 -17.36 15.31
CA ILE A 229 -5.84 -16.05 15.50
C ILE A 229 -5.60 -15.82 16.98
N ASN A 230 -4.42 -15.29 17.30
CA ASN A 230 -4.09 -14.86 18.66
C ASN A 230 -4.28 -13.34 18.69
N LEU A 231 -5.43 -12.91 19.23
CA LEU A 231 -5.72 -11.49 19.31
C LEU A 231 -4.68 -10.72 20.10
N LEU A 232 -3.89 -11.40 20.93
CA LEU A 232 -2.88 -10.70 21.71
C LEU A 232 -1.70 -10.26 20.86
N ASP A 233 -1.44 -10.96 19.75
CA ASP A 233 -0.37 -10.60 18.84
C ASP A 233 -0.69 -9.37 18.00
N ILE A 234 -1.89 -8.80 18.14
CA ILE A 234 -2.34 -7.73 17.28
C ILE A 234 -2.32 -6.37 17.97
N LYS A 235 -2.45 -6.31 19.30
CA LYS A 235 -2.60 -5.04 19.97
C LYS A 235 -1.54 -4.03 19.55
N SER A 236 -0.34 -4.51 19.19
CA SER A 236 0.71 -3.59 18.79
C SER A 236 0.32 -2.79 17.55
N ALA A 237 -0.51 -3.36 16.68
CA ALA A 237 -0.89 -2.65 15.46
C ALA A 237 -1.71 -1.40 15.74
N ARG A 238 -2.24 -1.24 16.95
CA ARG A 238 -2.97 -0.03 17.29
C ARG A 238 -2.05 1.18 17.38
N ASN A 239 -0.74 0.95 17.48
CA ASN A 239 0.24 2.03 17.49
C ASN A 239 1.08 2.06 16.23
N GLY A 240 0.78 1.21 15.25
CA GLY A 240 1.46 1.23 13.97
C GLY A 240 2.65 0.32 13.82
N LEU A 241 2.90 -0.57 14.78
CA LEU A 241 4.03 -1.48 14.73
C LEU A 241 3.58 -2.93 14.58
N LEU B 28 18.73 7.95 23.07
CA LEU B 28 19.77 7.21 22.38
C LEU B 28 19.72 7.48 20.88
N SER B 29 20.61 6.84 20.13
CA SER B 29 20.78 7.15 18.71
C SER B 29 20.76 5.94 17.78
N GLU B 30 20.81 4.72 18.29
CA GLU B 30 20.78 3.53 17.45
C GLU B 30 20.01 2.41 18.13
N ILE B 31 19.33 1.61 17.31
CA ILE B 31 18.63 0.42 17.79
C ILE B 31 18.67 -0.64 16.70
N ASN B 32 18.73 -1.89 17.11
CA ASN B 32 18.63 -3.04 16.22
C ASN B 32 17.34 -3.78 16.53
N LEU B 33 16.54 -4.05 15.52
CA LEU B 33 15.22 -4.64 15.68
C LEU B 33 15.21 -6.04 15.07
N ASP B 34 14.66 -6.99 15.82
CA ASP B 34 14.50 -8.36 15.33
C ASP B 34 13.19 -8.41 14.54
N VAL B 35 13.28 -8.12 13.25
CA VAL B 35 12.13 -8.17 12.35
C VAL B 35 12.15 -9.52 11.64
N GLU B 36 11.13 -10.33 11.89
CA GLU B 36 11.01 -11.66 11.29
C GLU B 36 12.36 -12.38 11.24
N GLY B 37 13.15 -12.26 12.31
CA GLY B 37 14.45 -12.90 12.40
C GLY B 37 15.60 -12.08 11.83
N SER B 38 15.34 -11.27 10.81
CA SER B 38 16.36 -10.37 10.28
C SER B 38 16.53 -9.17 11.20
N ILE B 39 17.74 -8.63 11.21
CA ILE B 39 18.09 -7.46 12.01
C ILE B 39 18.01 -6.23 11.13
N VAL B 40 17.20 -5.25 11.53
CA VAL B 40 17.06 -3.98 10.84
C VAL B 40 17.58 -2.89 11.77
N THR B 41 18.65 -2.23 11.35
CA THR B 41 19.26 -1.18 12.15
C THR B 41 18.62 0.16 11.83
N VAL B 42 18.31 0.93 12.86
CA VAL B 42 17.83 2.30 12.73
C VAL B 42 18.76 3.18 13.55
N LYS B 43 19.47 4.08 12.87
CA LYS B 43 20.56 4.84 13.48
C LYS B 43 20.53 6.27 12.96
N ALA B 44 21.00 7.18 13.81
CA ALA B 44 21.22 8.56 13.38
C ALA B 44 22.58 8.65 12.70
N GLY B 45 22.65 9.45 11.64
CA GLY B 45 23.92 9.67 10.98
C GLY B 45 23.75 10.25 9.59
N ASP B 46 24.82 10.12 8.81
CA ASP B 46 24.90 10.64 7.44
C ASP B 46 24.86 9.46 6.48
N LEU B 47 23.83 9.42 5.64
CA LEU B 47 23.69 8.32 4.70
C LEU B 47 24.93 8.16 3.82
N PHE B 48 25.51 9.27 3.38
CA PHE B 48 26.63 9.21 2.44
C PHE B 48 27.90 8.64 3.06
N ARG B 49 27.94 8.43 4.36
CA ARG B 49 29.11 7.86 5.02
C ARG B 49 28.94 6.38 5.33
N GLN B 50 27.86 5.76 4.88
CA GLN B 50 27.65 4.34 5.12
C GLN B 50 28.46 3.49 4.16
N ASP B 51 28.91 2.34 4.65
CA ASP B 51 29.48 1.33 3.78
C ASP B 51 28.36 0.56 3.10
N GLY B 52 28.70 -0.13 2.02
CA GLY B 52 27.70 -0.86 1.27
C GLY B 52 26.86 0.07 0.41
N PHE B 53 25.63 -0.38 0.11
CA PHE B 53 24.77 0.33 -0.81
C PHE B 53 23.98 1.42 -0.10
N LYS B 54 23.85 2.57 -0.78
CA LYS B 54 23.17 3.74 -0.25
C LYS B 54 22.12 4.18 -1.26
N VAL B 55 20.88 4.34 -0.79
CA VAL B 55 19.74 4.56 -1.68
C VAL B 55 19.44 6.04 -1.75
N ILE B 56 19.40 6.57 -2.97
CA ILE B 56 19.01 7.95 -3.23
C ILE B 56 17.67 7.93 -3.97
N ALA B 57 16.71 8.70 -3.47
CA ALA B 57 15.38 8.75 -4.06
C ALA B 57 15.36 9.79 -5.17
N PHE B 58 15.06 9.34 -6.38
CA PHE B 58 14.83 10.20 -7.54
C PHE B 58 13.33 10.27 -7.81
N ASN B 59 12.96 10.97 -8.88
CA ASN B 59 11.57 11.09 -9.28
C ASN B 59 11.25 10.01 -10.31
N GLU B 60 10.00 10.01 -10.78
CA GLU B 60 9.56 8.98 -11.72
C GLU B 60 10.26 9.06 -13.07
N TYR B 61 10.80 10.23 -13.43
CA TYR B 61 11.53 10.42 -14.67
C TYR B 61 13.04 10.20 -14.52
N PHE B 62 13.51 9.90 -13.32
CA PHE B 62 14.95 9.81 -13.04
C PHE B 62 15.67 11.09 -13.47
N ASP B 63 15.02 12.22 -13.24
CA ASP B 63 15.61 13.50 -13.62
C ASP B 63 16.91 13.74 -12.86
N THR B 64 17.76 14.59 -13.45
CA THR B 64 19.06 14.88 -12.87
C THR B 64 19.41 16.37 -12.85
N GLN B 65 18.50 17.24 -13.28
CA GLN B 65 18.79 18.67 -13.38
C GLN B 65 18.52 19.34 -12.03
N VAL B 66 19.57 19.42 -11.21
CA VAL B 66 19.47 20.14 -9.94
C VAL B 66 19.41 21.64 -10.26
N ASP B 67 18.22 22.24 -10.16
CA ASP B 67 18.05 23.63 -10.57
C ASP B 67 16.95 24.33 -9.77
N ASP B 68 16.67 23.87 -8.56
CA ASP B 68 15.67 24.49 -7.69
C ASP B 68 14.33 24.70 -8.40
N VAL B 69 13.98 23.83 -9.34
CA VAL B 69 12.64 23.84 -9.93
C VAL B 69 12.21 22.42 -10.26
N ILE B 70 13.07 21.65 -10.91
CA ILE B 70 12.79 20.25 -11.20
C ILE B 70 13.46 19.33 -10.18
N ILE B 71 14.66 19.67 -9.73
CA ILE B 71 15.31 19.00 -8.61
C ILE B 71 15.89 20.07 -7.70
N SER B 72 15.50 20.05 -6.43
CA SER B 72 15.97 21.05 -5.47
C SER B 72 17.39 20.71 -5.01
N HIS B 73 18.19 21.75 -4.80
CA HIS B 73 19.57 21.54 -4.36
C HIS B 73 19.65 21.09 -2.91
N ASN B 74 18.59 21.27 -2.13
CA ASN B 74 18.59 20.83 -0.74
C ASN B 74 18.15 19.39 -0.56
N SER B 75 17.38 18.85 -1.51
CA SER B 75 16.92 17.48 -1.41
C SER B 75 18.11 16.51 -1.40
N LEU B 76 17.86 15.31 -0.88
CA LEU B 76 18.87 14.26 -0.96
C LEU B 76 19.23 13.95 -2.41
N ASN B 77 18.27 14.06 -3.32
CA ASN B 77 18.56 13.92 -4.75
C ASN B 77 19.60 14.94 -5.18
N GLY B 78 19.39 16.21 -4.81
CA GLY B 78 20.31 17.26 -5.23
C GLY B 78 21.68 17.14 -4.59
N LEU B 79 21.73 16.86 -3.28
CA LEU B 79 23.02 16.71 -2.61
C LEU B 79 23.84 15.60 -3.25
N TYR B 80 23.19 14.49 -3.62
CA TYR B 80 23.92 13.41 -4.25
C TYR B 80 24.54 13.86 -5.57
N ILE B 81 23.73 14.43 -6.46
CA ILE B 81 24.22 14.87 -7.75
C ILE B 81 25.27 15.96 -7.58
N ASP B 82 25.03 16.90 -6.68
CA ASP B 82 25.93 18.05 -6.54
C ASP B 82 27.22 17.66 -5.84
N ASN B 83 27.15 16.88 -4.77
CA ASN B 83 28.28 16.67 -3.89
C ASN B 83 28.90 15.27 -3.95
N TYR B 84 28.19 14.28 -4.48
CA TYR B 84 28.66 12.90 -4.38
C TYR B 84 28.61 12.11 -5.69
N LEU B 85 27.86 12.56 -6.69
CA LEU B 85 27.81 11.81 -7.94
C LEU B 85 29.20 11.70 -8.56
N ALA B 86 29.75 10.49 -8.57
CA ALA B 86 31.00 10.21 -9.26
C ALA B 86 30.73 10.17 -10.75
N GLY B 87 31.29 11.12 -11.49
CA GLY B 87 31.05 11.26 -12.90
C GLY B 87 30.19 12.49 -13.19
N SER B 88 29.93 12.69 -14.48
CA SER B 88 29.11 13.80 -14.93
C SER B 88 27.65 13.40 -14.93
N VAL B 89 26.77 14.39 -14.78
CA VAL B 89 25.34 14.13 -14.90
C VAL B 89 25.03 13.53 -16.26
N SER B 90 25.72 13.98 -17.30
CA SER B 90 25.48 13.47 -18.64
C SER B 90 25.83 11.99 -18.74
N ASP B 91 26.97 11.58 -18.17
CA ASP B 91 27.31 10.17 -18.15
C ASP B 91 26.20 9.35 -17.47
N LEU B 92 25.60 9.89 -16.41
CA LEU B 92 24.55 9.17 -15.71
C LEU B 92 23.27 9.11 -16.56
N ASP B 93 22.84 10.25 -17.09
CA ASP B 93 21.64 10.27 -17.92
C ASP B 93 21.73 9.25 -19.05
N HIS B 94 22.86 9.25 -19.77
CA HIS B 94 23.01 8.32 -20.88
C HIS B 94 23.06 6.88 -20.40
N ARG B 95 23.75 6.62 -19.28
CA ARG B 95 23.81 5.26 -18.76
C ARG B 95 22.44 4.74 -18.40
N ILE B 96 21.58 5.62 -17.85
CA ILE B 96 20.21 5.22 -17.53
C ILE B 96 19.41 4.99 -18.80
N SER B 97 19.50 5.94 -19.75
CA SER B 97 18.81 5.78 -21.03
C SER B 97 19.12 4.43 -21.65
N ASN B 98 20.41 4.12 -21.80
CA ASN B 98 20.82 2.88 -22.44
C ASN B 98 20.69 1.67 -21.52
N HIS B 99 20.35 1.87 -20.25
CA HIS B 99 20.12 0.74 -19.36
C HIS B 99 18.84 0.00 -19.78
N GLN B 100 18.82 -1.31 -19.51
CA GLN B 100 17.73 -2.19 -19.91
C GLN B 100 16.99 -2.64 -18.66
N PHE B 101 15.95 -1.90 -18.31
CA PHE B 101 15.11 -2.24 -17.17
C PHE B 101 14.21 -3.41 -17.54
N GLU B 102 13.27 -3.74 -16.65
CA GLU B 102 12.24 -4.72 -16.96
C GLU B 102 11.18 -4.07 -17.85
N GLU B 103 10.17 -4.86 -18.24
CA GLU B 103 9.06 -4.32 -19.01
C GLU B 103 8.06 -3.60 -18.11
N ASP B 104 7.86 -4.09 -16.89
CA ASP B 104 6.97 -3.40 -15.95
C ASP B 104 7.59 -2.10 -15.45
N GLU B 105 8.92 -2.03 -15.35
CA GLU B 105 9.57 -0.85 -14.83
C GLU B 105 9.49 0.34 -15.78
N LEU B 106 9.30 0.08 -17.08
CA LEU B 106 9.25 1.14 -18.08
C LEU B 106 7.79 1.42 -18.41
N LEU B 107 7.34 2.64 -18.12
CA LEU B 107 5.95 3.04 -18.27
C LEU B 107 5.82 3.93 -19.49
N GLU B 108 5.17 5.10 -19.40
CA GLU B 108 4.82 5.91 -20.55
C GLU B 108 5.89 6.97 -20.80
N VAL B 109 5.63 7.84 -21.78
CA VAL B 109 6.58 8.86 -22.21
C VAL B 109 5.80 10.16 -22.35
N ASN B 110 5.89 11.02 -21.34
CA ASN B 110 5.21 12.31 -21.37
C ASN B 110 5.84 13.20 -22.42
N HIS B 111 5.31 13.14 -23.65
CA HIS B 111 5.82 14.01 -24.72
C HIS B 111 5.51 15.47 -24.44
N LYS B 112 4.37 15.76 -23.82
CA LYS B 112 4.05 17.12 -23.43
C LYS B 112 5.03 17.69 -22.42
N ARG B 113 5.80 16.83 -21.75
CA ARG B 113 6.73 17.25 -20.70
C ARG B 113 7.55 18.46 -21.15
N LYS B 114 7.22 19.63 -20.59
CA LYS B 114 7.90 20.86 -21.01
C LYS B 114 9.38 20.84 -20.63
N VAL B 115 9.74 20.17 -19.53
CA VAL B 115 11.10 20.19 -19.02
C VAL B 115 11.44 18.81 -18.45
N GLY B 116 12.73 18.47 -18.52
CA GLY B 116 13.22 17.26 -17.91
C GLY B 116 12.98 16.03 -18.78
N LYS B 117 13.55 14.91 -18.34
CA LYS B 117 13.39 13.65 -19.05
C LYS B 117 11.91 13.35 -19.23
N THR B 118 11.57 12.55 -20.25
CA THR B 118 10.18 12.22 -20.56
C THR B 118 9.81 10.78 -20.27
N GLN B 119 10.77 9.86 -20.27
CA GLN B 119 10.48 8.46 -19.96
C GLN B 119 10.10 8.33 -18.49
N LYS B 120 8.87 7.85 -18.23
CA LYS B 120 8.44 7.56 -16.88
C LYS B 120 8.73 6.11 -16.53
N TYR B 121 9.06 5.89 -15.26
CA TYR B 121 9.34 4.56 -14.73
C TYR B 121 8.37 4.26 -13.60
N SER B 122 8.20 2.97 -13.32
CA SER B 122 7.31 2.56 -12.23
C SER B 122 8.04 2.73 -10.90
N LEU B 123 7.35 3.32 -9.92
CA LEU B 123 7.95 3.56 -8.63
C LEU B 123 8.52 2.28 -8.05
N GLY B 124 9.73 2.38 -7.50
CA GLY B 124 10.47 1.24 -7.01
C GLY B 124 11.56 0.77 -7.93
N THR B 125 11.51 1.15 -9.21
CA THR B 125 12.59 0.83 -10.14
C THR B 125 13.93 1.29 -9.56
N ILE B 126 14.97 0.51 -9.80
CA ILE B 126 16.31 0.81 -9.32
C ILE B 126 17.25 0.89 -10.51
N PHE B 127 18.12 1.89 -10.50
CA PHE B 127 19.28 1.96 -11.35
C PHE B 127 20.51 1.99 -10.45
N VAL B 128 21.38 1.00 -10.60
CA VAL B 128 22.60 0.95 -9.82
C VAL B 128 23.61 1.93 -10.38
N ASN B 129 24.39 2.55 -9.49
CA ASN B 129 25.37 3.56 -9.85
C ASN B 129 26.48 3.47 -8.79
N ASN B 130 27.40 2.53 -8.99
CA ASN B 130 28.47 2.26 -8.03
C ASN B 130 27.87 1.66 -6.76
N ASP B 131 28.15 2.26 -5.61
CA ASP B 131 27.55 1.85 -4.35
C ASP B 131 26.28 2.62 -4.02
N TYR B 132 25.62 3.19 -5.03
CA TYR B 132 24.38 3.93 -4.84
C TYR B 132 23.26 3.27 -5.63
N LEU B 133 22.11 3.11 -4.98
CA LEU B 133 20.91 2.62 -5.63
C LEU B 133 19.98 3.82 -5.85
N LEU B 134 19.87 4.27 -7.09
CA LEU B 134 19.02 5.40 -7.43
C LEU B 134 17.63 4.86 -7.78
N THR B 135 16.68 5.08 -6.89
CA THR B 135 15.36 4.46 -7.00
C THR B 135 14.31 5.51 -7.35
N ALA B 136 13.38 5.13 -8.22
CA ALA B 136 12.31 6.03 -8.66
C ALA B 136 11.25 6.07 -7.57
N PHE B 137 11.11 7.22 -6.91
CA PHE B 137 10.28 7.33 -5.72
C PHE B 137 9.15 8.33 -5.90
N SER B 138 9.44 9.61 -6.06
CA SER B 138 8.40 10.62 -6.11
C SER B 138 7.86 10.79 -7.53
N LYS B 139 6.64 11.32 -7.60
CA LYS B 139 6.00 11.67 -8.86
C LYS B 139 5.97 13.19 -9.00
N PHE B 140 6.01 13.66 -10.24
CA PHE B 140 6.02 15.08 -10.53
C PHE B 140 4.77 15.45 -11.34
N ASP B 141 4.14 16.55 -10.96
CA ASP B 141 2.93 17.02 -11.59
C ASP B 141 3.26 18.12 -12.60
N ASP B 142 2.23 18.82 -13.08
CA ASP B 142 2.45 19.90 -14.04
C ASP B 142 3.43 20.92 -13.51
N LYS B 143 3.20 21.42 -12.29
CA LYS B 143 4.13 22.35 -11.67
C LYS B 143 5.43 21.68 -11.24
N ASN B 144 5.59 20.38 -11.51
CA ASN B 144 6.76 19.61 -11.09
C ASN B 144 6.88 19.58 -9.56
N ARG B 145 5.75 19.32 -8.91
CA ARG B 145 5.71 19.10 -7.47
C ARG B 145 5.98 17.63 -7.18
N ALA B 146 6.93 17.37 -6.28
CA ALA B 146 7.16 16.00 -5.82
C ALA B 146 5.99 15.56 -4.95
N PHE B 147 5.32 14.48 -5.33
CA PHE B 147 4.11 14.07 -4.62
C PHE B 147 3.92 12.57 -4.73
N LEU B 148 3.20 12.02 -3.75
CA LEU B 148 2.79 10.63 -3.75
C LEU B 148 1.43 10.54 -3.07
N THR B 149 0.55 9.71 -3.63
CA THR B 149 -0.59 9.27 -2.83
C THR B 149 -0.10 8.28 -1.78
N MET B 150 -0.88 8.14 -0.70
CA MET B 150 -0.52 7.12 0.28
C MET B 150 -0.49 5.72 -0.36
N PRO B 151 -1.46 5.34 -1.20
CA PRO B 151 -1.32 4.06 -1.93
C PRO B 151 -0.09 4.01 -2.83
N ASP B 152 0.33 5.13 -3.42
CA ASP B 152 1.59 5.14 -4.14
C ASP B 152 2.75 4.84 -3.19
N TYR B 153 2.75 5.51 -2.02
CA TYR B 153 3.84 5.34 -1.07
C TYR B 153 3.96 3.89 -0.62
N LEU B 154 2.84 3.27 -0.25
CA LEU B 154 2.88 1.87 0.17
C LEU B 154 3.27 0.95 -0.99
N ALA B 155 2.86 1.29 -2.21
CA ALA B 155 3.22 0.47 -3.36
C ALA B 155 4.70 0.61 -3.67
N PHE B 156 5.26 1.83 -3.59
CA PHE B 156 6.69 2.00 -3.78
C PHE B 156 7.47 1.13 -2.80
N LEU B 157 7.08 1.14 -1.54
CA LEU B 157 7.83 0.43 -0.51
C LEU B 157 7.80 -1.07 -0.77
N ILE B 158 6.61 -1.62 -1.03
CA ILE B 158 6.49 -3.05 -1.30
C ILE B 158 7.25 -3.41 -2.57
N ASN B 159 7.11 -2.60 -3.62
CA ASN B 159 7.86 -2.86 -4.85
C ASN B 159 9.36 -2.65 -4.65
N PHE B 160 9.75 -1.67 -3.83
CA PHE B 160 11.17 -1.44 -3.58
C PHE B 160 11.76 -2.55 -2.72
N TRP B 161 11.10 -2.89 -1.61
CA TRP B 161 11.64 -3.93 -0.73
C TRP B 161 11.81 -5.24 -1.48
N ASP B 162 10.84 -5.60 -2.33
CA ASP B 162 10.93 -6.88 -3.03
C ASP B 162 12.14 -6.92 -3.95
N LYS B 163 12.48 -5.78 -4.57
CA LYS B 163 13.62 -5.75 -5.47
C LYS B 163 14.93 -5.88 -4.72
N VAL B 164 15.07 -5.19 -3.58
CA VAL B 164 16.34 -5.25 -2.86
C VAL B 164 16.49 -6.58 -2.14
N ASN B 165 15.40 -7.18 -1.69
CA ASN B 165 15.49 -8.47 -1.02
C ASN B 165 15.83 -9.60 -1.98
N ARG B 166 15.53 -9.42 -3.27
CA ARG B 166 15.83 -10.42 -4.29
C ARG B 166 17.21 -10.23 -4.90
N ILE B 167 17.60 -8.99 -5.16
CA ILE B 167 18.86 -8.71 -5.83
C ILE B 167 20.02 -8.59 -4.85
N TYR B 168 19.82 -7.87 -3.75
CA TYR B 168 20.87 -7.60 -2.77
C TYR B 168 20.68 -8.42 -1.50
N ALA B 169 20.29 -9.67 -1.65
CA ALA B 169 20.17 -10.55 -0.50
C ALA B 169 21.49 -10.64 0.24
N GLN B 170 21.45 -10.49 1.55
CA GLN B 170 22.59 -10.55 2.46
C GLN B 170 23.56 -9.39 2.27
N LYS B 171 23.28 -8.46 1.36
CA LYS B 171 24.09 -7.26 1.19
C LYS B 171 23.50 -6.11 1.99
N SER B 172 24.37 -5.22 2.44
CA SER B 172 23.96 -4.09 3.26
C SER B 172 23.35 -3.00 2.40
N VAL B 173 22.15 -2.55 2.76
CA VAL B 173 21.46 -1.48 2.06
C VAL B 173 21.04 -0.44 3.09
N SER B 174 21.59 0.76 3.00
CA SER B 174 21.21 1.87 3.85
C SER B 174 20.20 2.74 3.12
N VAL B 175 19.18 3.18 3.84
CA VAL B 175 18.14 4.04 3.26
C VAL B 175 17.84 5.18 4.20
N PRO B 176 17.32 6.29 3.68
CA PRO B 176 16.76 7.33 4.54
C PRO B 176 15.32 7.02 4.88
N ILE B 177 14.64 7.90 5.60
CA ILE B 177 13.20 7.76 5.80
C ILE B 177 12.53 8.31 4.53
N PHE B 178 12.04 7.40 3.69
CA PHE B 178 11.34 7.81 2.48
C PHE B 178 10.16 8.70 2.84
N GLY B 179 10.02 9.80 2.11
CA GLY B 179 8.89 10.70 2.28
C GLY B 179 9.10 11.81 3.29
N SER B 180 10.19 11.77 4.07
CA SER B 180 10.43 12.77 5.10
C SER B 180 11.21 13.96 4.57
N GLY B 181 11.10 14.27 3.28
CA GLY B 181 11.78 15.41 2.71
C GLY B 181 10.82 16.32 1.98
N ILE B 182 11.20 16.73 0.76
CA ILE B 182 10.37 17.66 0.01
C ILE B 182 9.12 17.00 -0.54
N THR B 183 9.13 15.67 -0.68
CA THR B 183 7.97 14.98 -1.26
C THR B 183 6.77 15.13 -0.35
N ARG B 184 5.62 15.46 -0.94
CA ARG B 184 4.37 15.60 -0.21
C ARG B 184 3.52 14.34 -0.46
N ILE B 185 3.15 13.65 0.61
CA ILE B 185 2.18 12.58 0.51
C ILE B 185 0.79 13.21 0.55
N LYS B 186 0.02 13.01 -0.52
CA LYS B 186 -1.27 13.68 -0.63
C LYS B 186 -2.19 13.24 0.50
N GLU B 187 -2.88 14.21 1.10
CA GLU B 187 -3.77 14.04 2.24
C GLU B 187 -3.01 13.79 3.54
N HIS B 188 -1.67 13.75 3.51
CA HIS B 188 -0.85 13.50 4.68
C HIS B 188 0.28 14.52 4.78
N LYS B 189 0.02 15.76 4.38
CA LYS B 189 1.01 16.82 4.39
C LYS B 189 1.83 16.86 5.68
N ASN B 190 1.25 16.43 6.79
CA ASN B 190 1.87 16.59 8.10
C ASN B 190 2.22 15.25 8.77
N ILE B 191 2.25 14.16 8.02
CA ILE B 191 2.69 12.87 8.55
C ILE B 191 4.07 13.06 9.15
N SER B 192 4.36 12.35 10.24
CA SER B 192 5.61 12.52 10.97
C SER B 192 6.65 11.52 10.48
N ASP B 193 7.92 11.81 10.79
CA ASP B 193 9.00 10.91 10.41
C ASP B 193 8.90 9.60 11.18
N GLU B 194 8.44 9.64 12.42
CA GLU B 194 8.25 8.41 13.20
C GLU B 194 7.18 7.53 12.57
N ASP B 195 6.13 8.14 12.01
CA ASP B 195 5.07 7.37 11.36
C ASP B 195 5.54 6.82 10.02
N LEU B 196 6.33 7.59 9.27
CA LEU B 196 6.92 7.06 8.04
C LEU B 196 7.85 5.90 8.34
N LEU B 197 8.63 6.03 9.41
CA LEU B 197 9.52 4.94 9.81
C LEU B 197 8.73 3.67 10.14
N LYS B 198 7.55 3.84 10.75
CA LYS B 198 6.73 2.67 11.09
C LYS B 198 6.17 2.00 9.85
N ILE B 199 5.72 2.79 8.87
CA ILE B 199 5.28 2.21 7.60
C ILE B 199 6.43 1.46 6.94
N MET B 200 7.60 2.09 6.90
CA MET B 200 8.76 1.43 6.28
C MET B 200 9.04 0.08 6.92
N LEU B 201 8.91 0.00 8.25
CA LEU B 201 9.31 -1.21 8.96
C LEU B 201 8.34 -2.36 8.72
N TRP B 202 7.03 -2.09 8.69
CA TRP B 202 6.08 -3.18 8.48
C TRP B 202 5.83 -3.49 7.01
N THR B 203 6.09 -2.54 6.10
CA THR B 203 6.11 -2.91 4.68
C THR B 203 7.34 -3.76 4.36
N PHE B 204 8.46 -3.52 5.06
CA PHE B 204 9.63 -4.36 4.89
C PHE B 204 9.38 -5.77 5.44
N ARG B 205 8.71 -5.86 6.60
CA ARG B 205 8.40 -7.17 7.16
C ARG B 205 7.56 -8.00 6.19
N ILE B 206 6.52 -7.39 5.61
CA ILE B 206 5.72 -8.09 4.61
C ILE B 206 6.61 -8.60 3.49
N SER B 207 7.63 -7.83 3.11
CA SER B 207 8.49 -8.20 1.99
C SER B 207 9.43 -9.34 2.39
N GLU B 208 10.25 -9.15 3.41
CA GLU B 208 11.21 -10.17 3.79
C GLU B 208 10.54 -11.48 4.18
N MET B 209 9.25 -11.42 4.53
CA MET B 209 8.50 -12.62 4.90
C MET B 209 8.73 -13.75 3.91
N ARG B 210 8.86 -13.43 2.63
CA ARG B 210 8.91 -14.41 1.54
C ARG B 210 10.33 -14.67 1.05
N PHE B 211 11.35 -14.30 1.83
CA PHE B 211 12.74 -14.49 1.44
C PHE B 211 13.50 -15.14 2.58
N LYS B 212 14.19 -16.24 2.28
CA LYS B 212 15.02 -16.89 3.29
C LYS B 212 16.17 -15.98 3.72
N PHE B 213 16.79 -15.28 2.76
CA PHE B 213 17.89 -14.36 3.02
C PHE B 213 17.51 -12.98 2.49
N PRO B 214 16.84 -12.16 3.29
CA PRO B 214 16.58 -10.77 2.89
C PRO B 214 17.87 -9.96 2.92
N ALA B 215 17.76 -8.72 2.46
CA ALA B 215 18.87 -7.80 2.55
C ALA B 215 19.06 -7.35 4.00
N LYS B 216 20.20 -6.73 4.27
CA LYS B 216 20.54 -6.21 5.59
C LYS B 216 20.22 -4.72 5.56
N LEU B 217 19.09 -4.34 6.15
CA LEU B 217 18.55 -3.01 6.03
C LEU B 217 19.01 -2.12 7.19
N THR B 218 19.52 -0.95 6.86
CA THR B 218 19.80 0.09 7.84
C THR B 218 19.04 1.36 7.43
N ILE B 219 18.12 1.79 8.28
CA ILE B 219 17.39 3.03 8.06
C ILE B 219 18.16 4.14 8.75
N VAL B 220 18.49 5.19 8.01
CA VAL B 220 19.32 6.28 8.52
C VAL B 220 18.44 7.49 8.75
N ILE B 221 18.47 8.01 9.96
CA ILE B 221 17.78 9.23 10.33
C ILE B 221 18.82 10.34 10.44
N HIS B 222 18.43 11.55 10.08
CA HIS B 222 19.34 12.68 10.24
C HIS B 222 19.46 13.05 11.72
N LYS B 223 20.68 13.34 12.15
CA LYS B 223 20.94 13.65 13.56
C LYS B 223 19.93 14.65 14.10
N ASP B 224 19.53 15.63 13.29
CA ASP B 224 18.60 16.65 13.75
C ASP B 224 17.17 16.15 13.90
N LYS B 225 16.87 14.91 13.47
CA LYS B 225 15.52 14.37 13.56
C LYS B 225 15.40 13.21 14.54
N ILE B 226 16.50 12.71 15.10
CA ILE B 226 16.38 11.67 16.13
C ILE B 226 15.92 12.23 17.46
N ASP B 227 15.83 13.55 17.59
CA ASP B 227 15.24 14.14 18.79
C ASP B 227 13.72 14.00 18.78
N LYS B 228 13.09 14.29 17.64
CA LYS B 228 11.65 14.20 17.52
C LYS B 228 11.15 12.77 17.39
N ILE B 229 12.04 11.82 17.04
CA ILE B 229 11.69 10.41 16.94
C ILE B 229 12.21 9.73 18.19
N ASN B 230 11.36 8.92 18.82
CA ASN B 230 11.75 8.14 20.00
C ASN B 230 11.94 6.70 19.57
N LEU B 231 13.16 6.37 19.12
CA LEU B 231 13.47 4.99 18.80
C LEU B 231 13.19 4.07 19.98
N LEU B 232 13.18 4.63 21.20
CA LEU B 232 12.81 3.85 22.38
C LEU B 232 11.39 3.29 22.24
N ASP B 233 10.43 4.15 21.92
CA ASP B 233 9.06 3.70 21.64
C ASP B 233 9.11 2.47 20.75
N ILE B 234 9.59 2.64 19.52
CA ILE B 234 9.76 1.54 18.59
C ILE B 234 10.81 0.58 19.11
#